data_5D7S
#
_entry.id   5D7S
#
_cell.length_a   41.823
_cell.length_b   66.922
_cell.length_c   156.657
_cell.angle_alpha   90.00
_cell.angle_beta   90.00
_cell.angle_gamma   90.00
#
_symmetry.space_group_name_H-M   'P 21 21 21'
#
loop_
_entity.id
_entity.type
_entity.pdbx_description
1 polymer 'Immunglobulin G1 Fab fragment, light chain'
2 polymer 'Immunglobulin G1 Fab fragment, heavy chain'
3 non-polymer (2S,3S)-butane-2,3-diol
4 water water
#
loop_
_entity_poly.entity_id
_entity_poly.type
_entity_poly.pdbx_seq_one_letter_code
_entity_poly.pdbx_strand_id
1 'polypeptide(L)'
;DIELTQPPSVSVAPGQTARISCSGDSIGKKYAYWYQQKPGQAPVLVIYKKRPSGIPERFSGSNSGNTATLTISGTQAEDE
ADYYCSAWGDKGMVFGGGTKLTVLGQPKAAPSVTLFPPSSEELQANKATLVCLISDFYPGAVTVAWKADSSPVKAGVETT
TPSKQSNNKYAASSYLSLTPEQWKSHRSYSCQVTHEGSTVEKTVAPTEA
;
L
2 'polypeptide(L)'
;QVQLVESGGGLVQPGGSLRLSCAASGFTFSSYWMNWVRQAPGKGLEWVSGIENKYAGGATYYAASVKGRFTISRDNSKNT
LYLQMNSLRAEDTAVYYCARGFGTDFWGQGTLVTVSSASTKGPSVFPLAPSSKSTSGGTAALGCLVKDYFPEPVTVSWNS
GALTSGVHTFPAVLQSSGLYSLSSVVTVPSSSLGTQTYICNVNHKPSNTKVDKKVEPKSEFDYKDDDDKGAPHHHHHH
;
H
#
loop_
_chem_comp.id
_chem_comp.type
_chem_comp.name
_chem_comp.formula
BUD non-polymer (2S,3S)-butane-2,3-diol 'C4 H10 O2'
#
# COMPACT_ATOMS: atom_id res chain seq x y z
N GLU A 3 13.14 6.77 -12.49
CA GLU A 3 14.19 7.77 -12.12
C GLU A 3 14.58 7.71 -10.66
N LEU A 4 13.64 7.95 -9.76
CA LEU A 4 13.97 8.13 -8.34
C LEU A 4 13.74 6.89 -7.48
N THR A 5 14.80 6.46 -6.80
CA THR A 5 14.81 5.24 -5.99
C THR A 5 15.09 5.59 -4.54
N GLN A 6 14.18 5.16 -3.66
CA GLN A 6 14.38 5.26 -2.21
C GLN A 6 14.31 3.87 -1.58
N PRO A 7 15.00 3.70 -0.45
CA PRO A 7 14.83 2.45 0.28
C PRO A 7 13.39 2.33 0.77
N PRO A 8 12.87 1.10 0.87
CA PRO A 8 11.48 0.99 1.30
C PRO A 8 11.29 1.40 2.75
N SER A 9 12.31 1.21 3.57
CA SER A 9 12.26 1.71 4.94
C SER A 9 13.60 2.04 5.56
N VAL A 10 13.52 2.80 6.64
CA VAL A 10 14.66 3.16 7.44
C VAL A 10 14.15 3.21 8.87
N SER A 11 14.96 2.70 9.80
N SER A 11 14.94 2.67 9.80
CA SER A 11 14.65 2.78 11.21
CA SER A 11 14.63 2.78 11.23
C SER A 11 15.83 3.39 11.96
C SER A 11 15.83 3.39 11.96
N VAL A 12 15.52 4.10 13.05
CA VAL A 12 16.48 4.80 13.86
C VAL A 12 15.97 4.88 15.30
N ALA A 13 16.91 4.94 16.23
CA ALA A 13 16.59 5.00 17.64
C ALA A 13 16.30 6.45 17.96
N PRO A 14 15.40 6.69 18.92
CA PRO A 14 15.08 8.03 19.43
C PRO A 14 16.34 8.85 19.79
N GLY A 15 16.47 10.03 19.21
CA GLY A 15 17.60 10.93 19.50
C GLY A 15 18.67 10.82 18.42
N GLN A 16 18.64 9.74 17.67
CA GLN A 16 19.68 9.52 16.65
C GLN A 16 19.24 10.09 15.30
N THR A 17 20.23 10.23 14.42
CA THR A 17 20.06 10.79 13.10
C THR A 17 19.58 9.75 12.07
N ALA A 18 18.50 10.07 11.39
CA ALA A 18 18.01 9.22 10.30
C ALA A 18 18.42 9.85 9.00
N ARG A 19 18.71 9.00 8.01
CA ARG A 19 19.13 9.42 6.68
C ARG A 19 18.34 8.66 5.64
N ILE A 20 17.64 9.39 4.78
CA ILE A 20 16.78 8.82 3.74
C ILE A 20 17.38 9.24 2.41
N SER A 21 17.90 8.26 1.67
CA SER A 21 18.47 8.49 0.35
C SER A 21 17.42 8.45 -0.80
N CYS A 22 17.77 9.09 -1.90
CA CYS A 22 16.90 9.22 -3.06
C CYS A 22 17.83 9.33 -4.27
N SER A 23 17.87 8.27 -5.07
CA SER A 23 18.82 8.16 -6.19
C SER A 23 18.12 8.20 -7.53
N GLY A 24 18.77 8.87 -8.46
CA GLY A 24 18.33 8.97 -9.85
C GLY A 24 19.49 9.59 -10.61
N ASP A 25 19.66 9.24 -11.88
CA ASP A 25 20.82 9.73 -12.60
C ASP A 25 20.76 11.25 -12.65
N SER A 26 21.86 11.88 -12.21
CA SER A 26 22.01 13.33 -12.23
C SER A 26 21.02 14.12 -11.35
N ILE A 27 20.46 13.48 -10.32
CA ILE A 27 19.63 14.19 -9.33
C ILE A 27 20.39 15.36 -8.71
N GLY A 28 21.73 15.25 -8.70
CA GLY A 28 22.60 16.31 -8.22
C GLY A 28 22.42 17.65 -8.91
N LYS A 29 21.94 17.62 -10.15
CA LYS A 29 21.71 18.84 -10.93
C LYS A 29 20.23 19.21 -11.05
N LYS A 30 19.41 18.66 -10.15
CA LYS A 30 18.01 19.07 -10.03
C LYS A 30 17.75 19.46 -8.60
N TYR A 31 16.68 20.21 -8.37
CA TYR A 31 16.22 20.43 -7.02
C TYR A 31 15.44 19.22 -6.51
N ALA A 32 15.83 18.70 -5.35
CA ALA A 32 15.15 17.57 -4.73
C ALA A 32 14.12 18.03 -3.68
N TYR A 33 12.85 17.74 -3.91
CA TYR A 33 11.81 18.02 -2.89
C TYR A 33 11.61 16.80 -1.99
N TRP A 34 11.26 17.08 -0.74
CA TRP A 34 10.90 16.04 0.25
C TRP A 34 9.53 16.30 0.86
N TYR A 35 8.80 15.21 1.07
CA TYR A 35 7.47 15.28 1.67
C TYR A 35 7.35 14.25 2.80
N GLN A 36 6.56 14.63 3.80
CA GLN A 36 6.28 13.81 4.95
C GLN A 36 4.79 13.46 4.94
N GLN A 37 4.48 12.20 5.10
CA GLN A 37 3.08 11.79 5.11
C GLN A 37 2.83 10.78 6.21
N LYS A 38 2.10 11.21 7.22
CA LYS A 38 1.70 10.31 8.29
C LYS A 38 0.50 9.49 7.84
N PRO A 39 0.30 8.31 8.45
CA PRO A 39 -0.81 7.43 8.09
C PRO A 39 -2.14 8.14 8.13
N GLY A 40 -2.88 8.10 7.02
CA GLY A 40 -4.19 8.72 6.93
C GLY A 40 -4.20 10.19 6.57
N GLN A 41 -3.07 10.87 6.73
CA GLN A 41 -2.97 12.30 6.44
C GLN A 41 -2.47 12.53 5.03
N ALA A 42 -2.70 13.73 4.53
CA ALA A 42 -2.13 14.18 3.27
C ALA A 42 -0.64 14.44 3.44
N PRO A 43 0.12 14.42 2.34
CA PRO A 43 1.51 14.83 2.40
C PRO A 43 1.69 16.32 2.78
N VAL A 44 2.83 16.61 3.39
CA VAL A 44 3.25 17.96 3.72
C VAL A 44 4.71 18.11 3.28
N LEU A 45 5.05 19.29 2.77
CA LEU A 45 6.41 19.62 2.38
C LEU A 45 7.36 19.68 3.57
N VAL A 46 8.48 18.98 3.44
CA VAL A 46 9.54 19.07 4.41
C VAL A 46 10.39 20.28 4.08
N ILE A 47 10.37 21.23 4.99
CA ILE A 47 11.23 22.44 4.90
C ILE A 47 12.61 22.09 5.50
N TYR A 48 13.64 22.02 4.66
CA TYR A 48 14.98 21.58 5.09
C TYR A 48 16.04 22.56 4.63
N LYS A 49 17.13 22.65 5.38
CA LYS A 49 18.24 23.54 5.04
C LYS A 49 19.24 22.85 4.11
N LYS A 50 19.63 23.57 3.07
CA LYS A 50 20.80 23.22 2.25
C LYS A 50 22.05 23.81 2.89
N ARG A 51 21.88 24.92 3.60
CA ARG A 51 22.93 25.67 4.31
C ARG A 51 23.98 24.78 4.99
N PRO A 52 25.29 24.98 4.66
CA PRO A 52 26.42 24.23 5.23
C PRO A 52 26.42 24.05 6.75
N SER A 53 26.23 25.12 7.51
CA SER A 53 26.49 25.09 8.96
C SER A 53 25.49 25.92 9.77
N GLY A 54 25.98 26.60 10.80
CA GLY A 54 25.13 27.19 11.84
C GLY A 54 24.88 26.14 12.91
N ILE A 55 23.80 26.30 13.66
CA ILE A 55 23.34 25.28 14.60
C ILE A 55 22.82 24.10 13.77
N PRO A 56 23.01 22.86 14.26
CA PRO A 56 22.47 21.70 13.55
C PRO A 56 20.97 21.80 13.35
N GLU A 57 20.54 21.49 12.13
CA GLU A 57 19.14 21.59 11.76
C GLU A 57 18.47 20.25 11.96
N ARG A 58 17.25 20.30 12.44
CA ARG A 58 16.41 19.12 12.55
C ARG A 58 16.20 18.44 11.21
N PHE A 59 16.01 19.23 10.15
CA PHE A 59 15.87 18.68 8.81
C PHE A 59 16.85 19.32 7.85
N SER A 60 17.75 18.52 7.30
CA SER A 60 18.75 19.01 6.35
C SER A 60 18.77 18.16 5.09
N GLY A 61 19.25 18.77 4.01
CA GLY A 61 19.37 18.10 2.73
C GLY A 61 20.76 18.27 2.17
N SER A 62 21.16 17.27 1.41
CA SER A 62 22.33 17.32 0.57
C SER A 62 21.95 16.60 -0.71
N ASN A 63 22.46 17.09 -1.83
CA ASN A 63 22.09 16.58 -3.16
C ASN A 63 23.27 16.74 -4.05
N SER A 64 23.93 15.62 -4.32
CA SER A 64 25.26 15.62 -4.88
C SER A 64 25.41 14.35 -5.70
N GLY A 65 25.89 14.49 -6.93
CA GLY A 65 26.02 13.32 -7.80
C GLY A 65 24.65 12.73 -8.09
N ASN A 66 24.52 11.42 -7.88
CA ASN A 66 23.29 10.73 -8.19
C ASN A 66 22.43 10.40 -6.97
N THR A 67 22.78 10.95 -5.82
CA THR A 67 22.04 10.65 -4.58
C THR A 67 21.77 11.93 -3.82
N ALA A 68 20.49 12.14 -3.54
CA ALA A 68 20.00 13.17 -2.64
C ALA A 68 19.64 12.52 -1.32
N THR A 69 19.93 13.20 -0.20
CA THR A 69 19.70 12.64 1.13
C THR A 69 19.03 13.63 2.05
N LEU A 70 17.93 13.21 2.65
CA LEU A 70 17.31 13.94 3.74
C LEU A 70 17.88 13.42 5.06
N THR A 71 18.38 14.35 5.86
CA THR A 71 18.93 14.02 7.17
C THR A 71 18.03 14.62 8.22
N ILE A 72 17.52 13.76 9.10
CA ILE A 72 16.70 14.18 10.21
C ILE A 72 17.55 13.97 11.48
N SER A 73 17.91 15.06 12.15
CA SER A 73 18.60 15.02 13.43
C SER A 73 17.64 15.06 14.61
N GLY A 74 18.00 14.35 15.69
CA GLY A 74 17.21 14.33 16.90
C GLY A 74 15.87 13.68 16.64
N THR A 75 15.88 12.59 15.88
CA THR A 75 14.65 11.95 15.46
C THR A 75 13.83 11.61 16.70
N GLN A 76 12.52 11.87 16.62
CA GLN A 76 11.59 11.47 17.68
C GLN A 76 10.34 10.84 17.07
N ALA A 77 9.53 10.25 17.94
CA ALA A 77 8.36 9.48 17.51
C ALA A 77 7.50 10.22 16.48
N GLU A 78 7.31 11.53 16.67
CA GLU A 78 6.45 12.32 15.80
C GLU A 78 6.98 12.55 14.39
N ASP A 79 8.23 12.14 14.13
CA ASP A 79 8.79 12.15 12.79
C ASP A 79 8.40 10.92 11.96
N GLU A 80 7.77 9.93 12.62
CA GLU A 80 7.43 8.69 11.92
C GLU A 80 6.39 8.97 10.87
N ALA A 81 6.69 8.54 9.66
CA ALA A 81 5.88 8.84 8.49
C ALA A 81 6.49 8.14 7.30
N ASP A 82 5.78 8.17 6.18
CA ASP A 82 6.42 7.84 4.92
C ASP A 82 7.00 9.13 4.37
N TYR A 83 8.22 9.06 3.87
CA TYR A 83 8.86 10.18 3.20
C TYR A 83 9.09 9.88 1.74
N TYR A 84 8.81 10.88 0.92
CA TYR A 84 8.93 10.78 -0.51
C TYR A 84 9.88 11.88 -0.96
N CYS A 85 10.73 11.57 -1.92
CA CYS A 85 11.43 12.60 -2.66
C CYS A 85 10.74 12.82 -3.98
N SER A 86 11.08 13.93 -4.63
CA SER A 86 10.64 14.19 -5.99
C SER A 86 11.58 15.17 -6.67
N ALA A 87 11.43 15.25 -7.99
CA ALA A 87 12.12 16.24 -8.78
C ALA A 87 11.30 16.55 -10.02
N TRP A 88 11.58 17.69 -10.66
CA TRP A 88 10.94 18.02 -11.93
C TRP A 88 11.69 17.40 -13.09
N GLY A 89 11.05 16.44 -13.75
CA GLY A 89 11.55 15.88 -14.99
C GLY A 89 10.97 16.60 -16.20
N ASP A 90 11.34 16.12 -17.40
CA ASP A 90 10.93 16.77 -18.65
C ASP A 90 9.43 16.67 -18.91
N LYS A 91 8.80 15.62 -18.41
CA LYS A 91 7.38 15.35 -18.62
C LYS A 91 6.51 15.83 -17.46
N GLY A 92 7.12 16.00 -16.28
CA GLY A 92 6.40 16.40 -15.07
C GLY A 92 7.18 16.01 -13.82
N MET A 93 6.52 16.07 -12.66
CA MET A 93 7.20 15.73 -11.42
C MET A 93 7.31 14.22 -11.28
N VAL A 94 8.54 13.76 -11.06
CA VAL A 94 8.80 12.34 -10.80
C VAL A 94 8.94 12.17 -9.30
N PHE A 95 8.24 11.18 -8.73
CA PHE A 95 8.37 10.85 -7.30
C PHE A 95 9.15 9.56 -7.05
N GLY A 96 9.92 9.54 -5.97
CA GLY A 96 10.48 8.30 -5.48
C GLY A 96 9.38 7.43 -4.88
N GLY A 97 9.67 6.15 -4.63
CA GLY A 97 8.64 5.20 -4.19
C GLY A 97 8.18 5.35 -2.75
N GLY A 98 8.91 6.18 -1.99
CA GLY A 98 8.60 6.45 -0.60
C GLY A 98 9.39 5.52 0.31
N THR A 99 9.59 5.98 1.54
CA THR A 99 10.37 5.30 2.58
C THR A 99 9.63 5.43 3.93
N LYS A 100 9.23 4.31 4.54
CA LYS A 100 8.66 4.36 5.87
C LYS A 100 9.77 4.58 6.89
N LEU A 101 9.66 5.69 7.61
CA LEU A 101 10.58 5.96 8.72
C LEU A 101 9.93 5.50 10.03
N THR A 102 10.54 4.49 10.64
CA THR A 102 10.20 4.07 11.97
C THR A 102 11.20 4.60 13.02
N VAL A 103 10.67 5.21 14.06
CA VAL A 103 11.44 5.60 15.25
C VAL A 103 11.22 4.55 16.33
N LEU A 104 12.28 3.79 16.67
CA LEU A 104 12.13 2.54 17.47
C LEU A 104 11.55 2.81 18.87
N GLY A 105 10.34 2.31 19.13
CA GLY A 105 9.65 2.51 20.43
C GLY A 105 9.65 1.21 21.22
N GLN A 106 10.21 0.17 20.62
CA GLN A 106 10.36 -1.12 21.30
C GLN A 106 11.45 -1.84 20.51
N PRO A 107 12.01 -2.94 21.08
CA PRO A 107 13.03 -3.71 20.37
C PRO A 107 12.52 -4.32 19.06
N LYS A 108 13.43 -4.51 18.11
CA LYS A 108 13.02 -5.13 16.84
C LYS A 108 12.45 -6.53 17.07
N ALA A 109 11.46 -6.88 16.27
CA ALA A 109 10.83 -8.19 16.35
C ALA A 109 10.73 -8.76 14.94
N ALA A 110 11.21 -9.98 14.80
CA ALA A 110 11.29 -10.63 13.49
C ALA A 110 9.93 -11.26 13.12
N PRO A 111 9.60 -11.28 11.81
CA PRO A 111 8.32 -11.84 11.32
C PRO A 111 8.15 -13.35 11.48
N SER A 112 6.94 -13.75 11.86
CA SER A 112 6.51 -15.11 11.72
C SER A 112 5.81 -15.25 10.39
N VAL A 113 6.22 -16.27 9.64
CA VAL A 113 5.74 -16.41 8.26
C VAL A 113 5.13 -17.79 8.06
N THR A 114 3.91 -17.82 7.52
CA THR A 114 3.23 -19.07 7.17
C THR A 114 2.81 -19.00 5.72
N LEU A 115 3.25 -19.99 4.94
CA LEU A 115 2.91 -20.07 3.54
C LEU A 115 1.95 -21.26 3.30
N PHE A 116 0.78 -20.98 2.75
CA PHE A 116 -0.20 -22.04 2.38
C PHE A 116 -0.25 -22.16 0.86
N PRO A 117 -0.29 -23.41 0.37
CA PRO A 117 -0.49 -23.64 -1.06
C PRO A 117 -1.96 -23.48 -1.47
N PRO A 118 -2.22 -23.54 -2.79
CA PRO A 118 -3.62 -23.63 -3.27
C PRO A 118 -4.35 -24.85 -2.69
N SER A 119 -5.57 -24.64 -2.24
CA SER A 119 -6.39 -25.74 -1.79
C SER A 119 -6.76 -26.62 -3.00
N SER A 120 -7.00 -27.92 -2.74
CA SER A 120 -7.58 -28.83 -3.73
C SER A 120 -8.88 -28.27 -4.27
N GLU A 121 -9.64 -27.63 -3.38
CA GLU A 121 -10.96 -27.13 -3.72
C GLU A 121 -10.87 -25.98 -4.72
N GLU A 122 -9.91 -25.09 -4.50
CA GLU A 122 -9.71 -23.95 -5.40
C GLU A 122 -9.24 -24.39 -6.78
N LEU A 123 -8.37 -25.40 -6.79
CA LEU A 123 -7.87 -25.96 -8.03
C LEU A 123 -9.01 -26.55 -8.87
N GLN A 124 -9.93 -27.24 -8.19
CA GLN A 124 -11.12 -27.76 -8.81
C GLN A 124 -12.04 -26.67 -9.40
N ALA A 125 -11.97 -25.45 -8.87
CA ALA A 125 -12.68 -24.29 -9.42
C ALA A 125 -11.78 -23.51 -10.38
N ASN A 126 -10.72 -24.15 -10.85
CA ASN A 126 -9.89 -23.61 -11.92
C ASN A 126 -9.20 -22.32 -11.55
N LYS A 127 -8.82 -22.23 -10.28
CA LYS A 127 -8.02 -21.10 -9.78
C LYS A 127 -6.93 -21.62 -8.85
N ALA A 128 -6.04 -20.74 -8.42
CA ALA A 128 -4.99 -21.10 -7.49
C ALA A 128 -4.44 -19.82 -6.88
N THR A 129 -4.48 -19.80 -5.55
CA THR A 129 -3.92 -18.74 -4.77
C THR A 129 -2.92 -19.28 -3.71
N LEU A 130 -1.70 -18.73 -3.73
CA LEU A 130 -0.74 -18.90 -2.66
C LEU A 130 -0.95 -17.79 -1.63
N VAL A 131 -0.91 -18.18 -0.37
CA VAL A 131 -1.21 -17.30 0.77
C VAL A 131 -0.02 -17.25 1.75
N CYS A 132 0.60 -16.07 1.79
CA CYS A 132 1.70 -15.82 2.67
C CYS A 132 1.26 -14.84 3.76
N LEU A 133 1.25 -15.34 4.98
CA LEU A 133 0.79 -14.61 6.15
C LEU A 133 1.96 -14.28 7.03
N ILE A 134 2.02 -13.01 7.45
CA ILE A 134 3.21 -12.46 8.09
C ILE A 134 2.76 -11.71 9.34
N SER A 135 3.28 -12.10 10.51
CA SER A 135 2.80 -11.55 11.77
C SER A 135 3.97 -11.25 12.75
N ASP A 136 3.67 -10.47 13.78
CA ASP A 136 4.53 -10.30 14.95
C ASP A 136 5.85 -9.63 14.67
N PHE A 137 5.84 -8.69 13.73
CA PHE A 137 7.06 -7.96 13.34
C PHE A 137 7.04 -6.50 13.75
N TYR A 138 8.25 -6.01 14.04
CA TYR A 138 8.50 -4.62 14.34
C TYR A 138 9.95 -4.26 13.96
N PRO A 139 10.17 -3.12 13.28
CA PRO A 139 9.24 -2.13 12.68
C PRO A 139 8.19 -2.75 11.76
N GLY A 140 7.09 -2.01 11.53
CA GLY A 140 6.03 -2.42 10.60
C GLY A 140 6.33 -2.11 9.15
N ALA A 141 7.37 -2.74 8.62
CA ALA A 141 7.75 -2.60 7.21
C ALA A 141 8.41 -3.91 6.76
N VAL A 142 7.86 -4.49 5.69
CA VAL A 142 8.42 -5.69 5.07
C VAL A 142 8.39 -5.54 3.56
N THR A 143 9.25 -6.29 2.89
CA THR A 143 9.25 -6.45 1.43
C THR A 143 9.03 -7.92 1.20
N VAL A 144 8.08 -8.21 0.33
CA VAL A 144 7.70 -9.57 0.01
C VAL A 144 8.01 -9.77 -1.45
N ALA A 145 8.81 -10.79 -1.72
CA ALA A 145 9.13 -11.20 -3.08
C ALA A 145 8.68 -12.64 -3.26
N TRP A 146 8.16 -12.94 -4.45
CA TRP A 146 7.72 -14.28 -4.76
C TRP A 146 8.64 -14.85 -5.87
N LYS A 147 8.78 -16.17 -5.86
CA LYS A 147 9.52 -16.91 -6.87
C LYS A 147 8.70 -18.09 -7.42
N ALA A 148 8.84 -18.30 -8.73
CA ALA A 148 8.47 -19.53 -9.39
C ALA A 148 9.79 -20.26 -9.61
N ASP A 149 9.96 -21.40 -8.95
CA ASP A 149 11.27 -22.07 -8.87
C ASP A 149 12.28 -21.03 -8.35
N SER A 150 13.28 -20.65 -9.12
CA SER A 150 14.21 -19.65 -8.64
C SER A 150 14.03 -18.29 -9.30
N SER A 151 12.96 -18.15 -10.08
CA SER A 151 12.77 -16.92 -10.86
C SER A 151 11.79 -15.99 -10.14
N PRO A 152 12.17 -14.72 -9.93
CA PRO A 152 11.21 -13.78 -9.34
C PRO A 152 9.94 -13.67 -10.18
N VAL A 153 8.80 -13.61 -9.51
CA VAL A 153 7.49 -13.43 -10.13
C VAL A 153 6.85 -12.21 -9.50
N LYS A 154 6.35 -11.33 -10.36
CA LYS A 154 5.73 -10.05 -9.97
C LYS A 154 4.25 -10.00 -10.33
N ALA A 155 3.87 -10.69 -11.41
CA ALA A 155 2.47 -10.69 -11.85
C ALA A 155 1.60 -11.49 -10.90
N GLY A 156 0.39 -10.99 -10.66
CA GLY A 156 -0.57 -11.67 -9.79
C GLY A 156 -0.34 -11.52 -8.28
N VAL A 157 0.57 -10.62 -7.88
CA VAL A 157 0.90 -10.45 -6.48
C VAL A 157 0.08 -9.30 -5.92
N GLU A 158 -0.54 -9.54 -4.77
CA GLU A 158 -1.29 -8.53 -4.04
C GLU A 158 -0.81 -8.58 -2.58
N THR A 159 -0.30 -7.46 -2.09
CA THR A 159 0.26 -7.41 -0.75
C THR A 159 -0.37 -6.26 0.03
N THR A 160 -0.68 -6.53 1.30
CA THR A 160 -1.29 -5.51 2.10
C THR A 160 -0.21 -4.58 2.66
N THR A 161 -0.66 -3.41 3.11
CA THR A 161 0.17 -2.54 3.94
C THR A 161 0.14 -3.11 5.37
N PRO A 162 1.28 -3.07 6.06
CA PRO A 162 1.29 -3.59 7.44
C PRO A 162 0.32 -2.83 8.35
N SER A 163 -0.41 -3.59 9.15
CA SER A 163 -1.38 -3.07 10.13
C SER A 163 -0.96 -3.50 11.54
N LYS A 164 -1.13 -2.59 12.49
CA LYS A 164 -0.71 -2.84 13.87
C LYS A 164 -1.64 -3.84 14.55
N GLN A 165 -1.05 -4.86 15.17
CA GLN A 165 -1.75 -5.84 16.01
C GLN A 165 -2.02 -5.30 17.43
N SER A 166 -2.77 -6.07 18.23
CA SER A 166 -3.10 -5.68 19.61
C SER A 166 -1.85 -5.50 20.48
N ASN A 167 -0.81 -6.29 20.21
CA ASN A 167 0.46 -6.25 20.98
C ASN A 167 1.46 -5.19 20.48
N ASN A 168 1.02 -4.31 19.58
CA ASN A 168 1.84 -3.24 19.04
C ASN A 168 2.95 -3.69 18.08
N LYS A 169 2.93 -4.97 17.72
CA LYS A 169 3.70 -5.42 16.58
C LYS A 169 2.79 -5.36 15.36
N TYR A 170 3.25 -5.83 14.19
CA TYR A 170 2.54 -5.66 12.94
C TYR A 170 2.26 -6.99 12.22
N ALA A 171 1.22 -6.95 11.40
CA ALA A 171 0.83 -8.07 10.55
C ALA A 171 0.68 -7.62 9.12
N ALA A 172 1.03 -8.51 8.19
CA ALA A 172 0.73 -8.29 6.79
C ALA A 172 0.42 -9.61 6.06
N SER A 173 -0.17 -9.48 4.89
CA SER A 173 -0.44 -10.66 4.06
C SER A 173 -0.08 -10.42 2.60
N SER A 174 0.35 -11.48 1.93
N SER A 174 0.34 -11.48 1.93
CA SER A 174 0.67 -11.40 0.51
CA SER A 174 0.65 -11.40 0.51
C SER A 174 -0.02 -12.58 -0.19
C SER A 174 -0.01 -12.59 -0.19
N TYR A 175 -0.54 -12.32 -1.37
CA TYR A 175 -1.23 -13.33 -2.17
C TYR A 175 -0.63 -13.41 -3.57
N LEU A 176 -0.31 -14.62 -3.99
CA LEU A 176 0.05 -14.86 -5.40
C LEU A 176 -1.05 -15.64 -6.12
N SER A 177 -1.70 -14.99 -7.09
CA SER A 177 -2.74 -15.62 -7.90
C SER A 177 -2.15 -16.27 -9.14
N LEU A 178 -2.43 -17.56 -9.33
CA LEU A 178 -1.94 -18.34 -10.48
C LEU A 178 -3.05 -19.13 -11.14
N THR A 179 -2.81 -19.53 -12.39
CA THR A 179 -3.60 -20.61 -13.00
C THR A 179 -3.16 -21.97 -12.43
N PRO A 180 -4.09 -22.94 -12.36
CA PRO A 180 -3.69 -24.28 -11.96
C PRO A 180 -2.52 -24.84 -12.77
N GLU A 181 -2.47 -24.43 -14.03
CA GLU A 181 -1.46 -24.87 -14.98
C GLU A 181 -0.09 -24.27 -14.63
N GLN A 182 -0.07 -22.99 -14.28
CA GLN A 182 1.16 -22.32 -13.80
C GLN A 182 1.65 -23.00 -12.51
N TRP A 183 0.75 -23.16 -11.54
CA TRP A 183 1.08 -23.84 -10.28
C TRP A 183 1.71 -25.22 -10.48
N LYS A 184 1.07 -26.03 -11.33
CA LYS A 184 1.53 -27.40 -11.59
C LYS A 184 2.80 -27.50 -12.46
N SER A 185 3.14 -26.45 -13.21
CA SER A 185 4.28 -26.49 -14.14
C SER A 185 5.64 -26.10 -13.55
N HIS A 186 5.67 -25.73 -12.27
CA HIS A 186 6.92 -25.46 -11.55
C HIS A 186 7.18 -26.47 -10.41
N ARG A 187 8.44 -26.69 -10.05
CA ARG A 187 8.81 -27.61 -8.95
C ARG A 187 8.41 -27.04 -7.58
N SER A 188 8.48 -25.72 -7.47
CA SER A 188 8.17 -25.02 -6.23
C SER A 188 7.81 -23.55 -6.46
N TYR A 189 7.15 -22.96 -5.48
CA TYR A 189 7.01 -21.52 -5.35
C TYR A 189 7.43 -21.13 -3.94
N SER A 190 7.99 -19.92 -3.82
CA SER A 190 8.50 -19.39 -2.55
C SER A 190 7.99 -17.98 -2.26
N CYS A 191 7.66 -17.75 -0.99
CA CYS A 191 7.35 -16.43 -0.48
C CYS A 191 8.60 -16.03 0.32
N GLN A 192 9.22 -14.93 -0.09
CA GLN A 192 10.41 -14.38 0.60
C GLN A 192 10.04 -13.11 1.30
N VAL A 193 10.23 -13.08 2.62
CA VAL A 193 9.90 -11.92 3.40
C VAL A 193 11.20 -11.31 3.97
N THR A 194 11.44 -10.07 3.57
CA THR A 194 12.58 -9.28 4.05
C THR A 194 12.16 -8.25 5.09
N HIS A 195 12.88 -8.27 6.21
CA HIS A 195 12.62 -7.39 7.35
C HIS A 195 13.92 -6.98 7.97
N GLU A 196 14.18 -5.69 7.95
CA GLU A 196 15.38 -5.11 8.59
C GLU A 196 16.68 -5.84 8.21
N GLY A 197 16.84 -6.15 6.92
CA GLY A 197 18.05 -6.81 6.44
C GLY A 197 18.11 -8.31 6.53
N SER A 198 17.12 -8.92 7.17
CA SER A 198 17.05 -10.37 7.31
C SER A 198 15.94 -10.88 6.39
N THR A 199 16.14 -12.07 5.84
CA THR A 199 15.14 -12.65 4.97
C THR A 199 14.71 -14.05 5.45
N VAL A 200 13.40 -14.28 5.39
CA VAL A 200 12.80 -15.58 5.67
C VAL A 200 12.15 -16.02 4.36
N GLU A 201 12.53 -17.20 3.89
CA GLU A 201 11.90 -17.78 2.71
C GLU A 201 11.20 -19.12 3.00
N LYS A 202 9.89 -19.14 2.74
CA LYS A 202 9.08 -20.35 2.85
C LYS A 202 8.75 -20.84 1.43
N THR A 203 8.75 -22.14 1.25
CA THR A 203 8.55 -22.74 -0.07
C THR A 203 7.52 -23.88 -0.03
N VAL A 204 6.67 -23.94 -1.06
CA VAL A 204 5.68 -25.03 -1.16
C VAL A 204 5.75 -25.61 -2.57
N ALA A 205 5.29 -26.85 -2.72
CA ALA A 205 5.42 -27.58 -3.98
C ALA A 205 4.10 -28.30 -4.30
N PRO A 206 3.69 -28.31 -5.57
CA PRO A 206 2.46 -29.00 -5.93
C PRO A 206 2.54 -30.47 -5.57
N THR A 207 3.75 -31.01 -5.68
CA THR A 207 4.05 -32.35 -5.22
C THR A 207 4.14 -32.37 -3.70
N GLN B 1 -3.53 32.27 5.84
CA GLN B 1 -3.48 30.78 5.94
C GLN B 1 -3.91 30.13 4.63
N VAL B 2 -2.93 29.58 3.91
CA VAL B 2 -3.17 28.85 2.66
C VAL B 2 -4.04 27.61 2.93
N GLN B 3 -5.19 27.54 2.27
CA GLN B 3 -6.04 26.35 2.27
C GLN B 3 -6.27 25.89 0.84
N LEU B 4 -6.36 24.57 0.67
CA LEU B 4 -6.77 23.93 -0.57
C LEU B 4 -7.76 22.84 -0.18
N VAL B 5 -8.98 22.92 -0.71
CA VAL B 5 -10.02 21.93 -0.38
C VAL B 5 -10.54 21.25 -1.66
N GLU B 6 -10.33 19.93 -1.76
CA GLU B 6 -10.73 19.14 -2.93
C GLU B 6 -12.14 18.58 -2.79
N SER B 7 -12.83 18.48 -3.93
CA SER B 7 -14.24 18.08 -4.00
C SER B 7 -14.49 17.20 -5.20
N GLY B 8 -15.68 16.60 -5.25
CA GLY B 8 -16.16 15.91 -6.44
C GLY B 8 -15.85 14.43 -6.50
N GLY B 9 -14.95 13.96 -5.64
CA GLY B 9 -14.62 12.55 -5.60
C GLY B 9 -15.84 11.70 -5.29
N GLY B 10 -15.79 10.43 -5.71
CA GLY B 10 -16.88 9.49 -5.45
C GLY B 10 -16.69 8.17 -6.15
N LEU B 11 -17.74 7.37 -6.19
CA LEU B 11 -17.72 6.09 -6.88
C LEU B 11 -18.15 6.33 -8.32
N VAL B 12 -17.59 5.53 -9.23
CA VAL B 12 -17.82 5.73 -10.66
C VAL B 12 -17.46 4.45 -11.40
N GLN B 13 -18.32 4.04 -12.33
CA GLN B 13 -18.07 2.85 -13.12
C GLN B 13 -16.94 3.09 -14.12
N PRO B 14 -16.07 2.08 -14.34
CA PRO B 14 -15.08 2.17 -15.41
C PRO B 14 -15.66 2.71 -16.72
N GLY B 15 -14.87 3.51 -17.44
CA GLY B 15 -15.34 4.17 -18.65
C GLY B 15 -16.14 5.44 -18.40
N GLY B 16 -16.50 5.67 -17.13
CA GLY B 16 -17.27 6.84 -16.74
C GLY B 16 -16.41 8.09 -16.63
N SER B 17 -17.01 9.15 -16.12
CA SER B 17 -16.34 10.42 -16.00
C SER B 17 -16.68 11.08 -14.68
N LEU B 18 -15.95 12.14 -14.36
CA LEU B 18 -16.10 12.84 -13.10
C LEU B 18 -15.35 14.17 -13.19
N ARG B 19 -15.78 15.11 -12.35
CA ARG B 19 -15.15 16.42 -12.30
C ARG B 19 -14.77 16.70 -10.87
N LEU B 20 -13.51 17.12 -10.66
CA LEU B 20 -13.03 17.48 -9.33
C LEU B 20 -12.79 18.98 -9.30
N SER B 21 -13.02 19.57 -8.13
CA SER B 21 -12.69 20.98 -7.93
C SER B 21 -11.87 21.13 -6.65
N CYS B 22 -10.83 21.96 -6.74
CA CYS B 22 -10.07 22.35 -5.58
C CYS B 22 -10.25 23.85 -5.37
N ALA B 23 -10.90 24.21 -4.25
CA ALA B 23 -11.11 25.61 -3.87
C ALA B 23 -9.92 26.15 -3.04
N ALA B 24 -9.29 27.21 -3.53
CA ALA B 24 -8.10 27.78 -2.89
C ALA B 24 -8.38 29.06 -2.13
N SER B 25 -7.63 29.30 -1.07
CA SER B 25 -7.68 30.57 -0.36
C SER B 25 -6.42 30.84 0.45
N GLY B 26 -6.26 32.08 0.88
CA GLY B 26 -5.10 32.50 1.67
C GLY B 26 -3.89 32.88 0.85
N PHE B 27 -4.06 33.02 -0.47
CA PHE B 27 -2.99 33.50 -1.35
C PHE B 27 -3.53 33.95 -2.70
N THR B 28 -2.67 34.64 -3.45
CA THR B 28 -3.03 35.11 -4.79
C THR B 28 -2.99 33.90 -5.73
N PHE B 29 -4.15 33.23 -5.80
CA PHE B 29 -4.31 32.02 -6.56
C PHE B 29 -3.81 32.20 -7.99
N SER B 30 -4.26 33.27 -8.63
CA SER B 30 -3.80 33.65 -9.96
C SER B 30 -2.27 33.67 -10.18
N SER B 31 -1.49 33.91 -9.12
CA SER B 31 -0.02 34.01 -9.23
C SER B 31 0.67 32.65 -9.36
N TYR B 32 -0.06 31.58 -9.07
CA TYR B 32 0.56 30.28 -8.91
C TYR B 32 0.23 29.27 -9.98
N TRP B 33 1.26 28.65 -10.54
CA TRP B 33 1.10 27.34 -11.17
C TRP B 33 0.46 26.42 -10.14
N MET B 34 -0.40 25.51 -10.59
CA MET B 34 -1.06 24.56 -9.71
C MET B 34 -0.94 23.14 -10.26
N ASN B 35 -1.03 22.17 -9.34
CA ASN B 35 -0.84 20.75 -9.62
C ASN B 35 -2.01 19.90 -9.18
N TRP B 36 -2.22 18.81 -9.90
CA TRP B 36 -2.97 17.66 -9.41
C TRP B 36 -2.02 16.48 -9.19
N VAL B 37 -2.08 15.89 -8.00
CA VAL B 37 -1.26 14.71 -7.69
C VAL B 37 -2.20 13.66 -7.12
N ARG B 38 -1.92 12.39 -7.40
CA ARG B 38 -2.77 11.31 -6.93
C ARG B 38 -1.99 10.22 -6.21
N GLN B 39 -2.71 9.47 -5.38
CA GLN B 39 -2.12 8.42 -4.58
C GLN B 39 -3.07 7.25 -4.44
N ALA B 40 -2.70 6.15 -5.06
CA ALA B 40 -3.53 4.94 -5.05
C ALA B 40 -3.42 4.30 -3.67
N PRO B 41 -4.49 3.61 -3.22
CA PRO B 41 -4.51 3.06 -1.87
C PRO B 41 -3.30 2.19 -1.60
N GLY B 42 -2.57 2.48 -0.52
CA GLY B 42 -1.38 1.73 -0.13
C GLY B 42 -0.18 1.89 -1.05
N LYS B 43 -0.21 2.89 -1.93
CA LYS B 43 0.85 3.07 -2.91
C LYS B 43 1.40 4.50 -2.81
N GLY B 44 2.43 4.78 -3.60
CA GLY B 44 3.10 6.09 -3.57
C GLY B 44 2.38 7.20 -4.32
N LEU B 45 3.09 8.32 -4.51
CA LEU B 45 2.54 9.50 -5.18
C LEU B 45 2.87 9.49 -6.67
N GLU B 46 1.90 9.94 -7.47
CA GLU B 46 2.07 10.07 -8.92
C GLU B 46 1.51 11.40 -9.38
N TRP B 47 2.37 12.24 -9.96
CA TRP B 47 1.97 13.53 -10.55
C TRP B 47 1.07 13.33 -11.76
N VAL B 48 -0.02 14.10 -11.83
CA VAL B 48 -1.06 13.91 -12.86
C VAL B 48 -1.11 15.06 -13.87
N SER B 49 -1.16 16.29 -13.36
CA SER B 49 -1.32 17.44 -14.22
C SER B 49 -0.95 18.75 -13.53
N GLY B 50 -0.59 19.75 -14.34
CA GLY B 50 -0.26 21.09 -13.89
C GLY B 50 -0.69 22.18 -14.89
N ILE B 51 -0.92 23.38 -14.37
CA ILE B 51 -1.45 24.48 -15.17
C ILE B 51 -0.80 25.80 -14.72
N GLU B 52 -0.31 26.57 -15.68
CA GLU B 52 0.48 27.76 -15.34
C GLU B 52 -0.43 28.85 -14.77
N ASN B 53 0.22 29.85 -14.19
CA ASN B 53 -0.45 31.01 -13.68
C ASN B 53 -0.93 31.90 -14.82
N LYS B 54 -1.64 32.95 -14.45
CA LYS B 54 -2.32 33.80 -15.43
C LYS B 54 -1.35 34.46 -16.43
N TYR B 55 -0.13 34.76 -15.99
CA TYR B 55 0.78 35.56 -16.80
C TYR B 55 1.45 34.72 -17.87
N ALA B 56 1.64 33.44 -17.57
CA ALA B 56 2.11 32.48 -18.57
C ALA B 56 0.94 31.91 -19.40
N GLY B 57 -0.23 32.50 -19.27
CA GLY B 57 -1.39 32.12 -20.09
C GLY B 57 -2.09 30.82 -19.72
N GLY B 58 -1.74 30.22 -18.58
CA GLY B 58 -2.41 29.00 -18.13
C GLY B 58 -2.28 27.81 -19.06
N ALA B 59 -1.13 27.66 -19.72
CA ALA B 59 -0.83 26.43 -20.46
C ALA B 59 -0.89 25.22 -19.52
N THR B 60 -1.26 24.08 -20.10
CA THR B 60 -1.56 22.87 -19.34
C THR B 60 -0.65 21.72 -19.74
N TYR B 61 -0.40 20.83 -18.79
CA TYR B 61 0.59 19.76 -18.92
C TYR B 61 0.06 18.53 -18.21
N TYR B 62 0.33 17.35 -18.77
CA TYR B 62 -0.26 16.07 -18.30
C TYR B 62 0.75 14.91 -18.29
N ALA B 63 0.62 14.03 -17.31
CA ALA B 63 1.32 12.77 -17.30
C ALA B 63 0.86 11.94 -18.49
N ALA B 64 1.73 11.05 -18.96
CA ALA B 64 1.41 10.18 -20.11
C ALA B 64 0.33 9.16 -19.76
N SER B 65 0.13 8.92 -18.46
CA SER B 65 -0.95 8.08 -17.96
C SER B 65 -2.34 8.68 -18.13
N VAL B 66 -2.44 9.99 -18.36
CA VAL B 66 -3.76 10.62 -18.45
C VAL B 66 -3.98 11.50 -19.69
N LYS B 67 -3.00 11.53 -20.57
CA LYS B 67 -3.07 12.27 -21.84
C LYS B 67 -4.40 12.00 -22.54
N GLY B 68 -5.12 13.07 -22.86
CA GLY B 68 -6.30 12.97 -23.72
C GLY B 68 -7.60 12.54 -23.04
N ARG B 69 -7.53 12.20 -21.75
CA ARG B 69 -8.75 11.84 -21.01
C ARG B 69 -9.01 12.68 -19.77
N PHE B 70 -7.96 13.32 -19.25
CA PHE B 70 -8.10 14.36 -18.24
C PHE B 70 -7.85 15.73 -18.86
N THR B 71 -8.57 16.73 -18.35
CA THR B 71 -8.33 18.12 -18.69
C THR B 71 -8.23 18.90 -17.39
N ILE B 72 -7.18 19.71 -17.27
CA ILE B 72 -7.01 20.59 -16.13
C ILE B 72 -7.49 21.98 -16.53
N SER B 73 -8.13 22.69 -15.62
CA SER B 73 -8.51 24.08 -15.88
C SER B 73 -8.57 24.88 -14.58
N ARG B 74 -8.90 26.16 -14.69
CA ARG B 74 -8.98 27.01 -13.52
C ARG B 74 -9.85 28.22 -13.77
N ASP B 75 -10.48 28.69 -12.68
CA ASP B 75 -11.27 29.93 -12.68
C ASP B 75 -10.62 30.86 -11.65
N ASN B 76 -9.77 31.75 -12.12
CA ASN B 76 -9.07 32.68 -11.24
C ASN B 76 -10.00 33.64 -10.49
N SER B 77 -11.13 33.99 -11.11
CA SER B 77 -12.15 34.81 -10.45
C SER B 77 -12.87 34.07 -9.33
N LYS B 78 -12.88 32.74 -9.40
CA LYS B 78 -13.46 31.90 -8.33
C LYS B 78 -12.37 31.25 -7.47
N ASN B 79 -11.11 31.48 -7.80
CA ASN B 79 -9.97 30.85 -7.11
C ASN B 79 -10.11 29.35 -6.97
N THR B 80 -10.68 28.72 -8.00
CA THR B 80 -10.89 27.29 -8.03
C THR B 80 -10.04 26.64 -9.14
N LEU B 81 -9.36 25.56 -8.78
CA LEU B 81 -8.75 24.65 -9.74
C LEU B 81 -9.75 23.53 -10.15
N TYR B 82 -9.67 23.06 -11.39
CA TYR B 82 -10.56 21.99 -11.87
C TYR B 82 -9.82 20.84 -12.55
N LEU B 83 -10.38 19.64 -12.45
CA LEU B 83 -9.88 18.50 -13.18
C LEU B 83 -11.05 17.67 -13.72
N GLN B 84 -11.32 17.82 -15.01
CA GLN B 84 -12.28 16.97 -15.68
C GLN B 84 -11.62 15.62 -15.94
N MET B 85 -12.20 14.57 -15.39
CA MET B 85 -11.73 13.20 -15.61
C MET B 85 -12.74 12.43 -16.47
N ASN B 86 -12.38 12.19 -17.74
CA ASN B 86 -13.22 11.40 -18.65
C ASN B 86 -12.62 10.02 -18.89
N SER B 87 -13.47 9.09 -19.33
CA SER B 87 -13.06 7.74 -19.69
C SER B 87 -12.25 7.08 -18.58
N LEU B 88 -12.82 7.06 -17.39
CA LEU B 88 -12.11 6.63 -16.18
C LEU B 88 -11.77 5.13 -16.20
N ARG B 89 -10.56 4.81 -15.75
CA ARG B 89 -10.07 3.44 -15.68
C ARG B 89 -9.88 3.05 -14.23
N ALA B 90 -9.89 1.74 -13.98
CA ALA B 90 -9.76 1.20 -12.63
C ALA B 90 -8.45 1.63 -11.99
N GLU B 91 -7.40 1.69 -12.80
CA GLU B 91 -6.07 2.11 -12.35
C GLU B 91 -5.97 3.62 -12.02
N ASP B 92 -7.01 4.39 -12.33
CA ASP B 92 -7.10 5.80 -11.93
C ASP B 92 -7.56 5.99 -10.48
N THR B 93 -8.06 4.93 -9.86
CA THR B 93 -8.56 5.00 -8.50
C THR B 93 -7.46 5.50 -7.56
N ALA B 94 -7.73 6.59 -6.87
CA ALA B 94 -6.78 7.17 -5.92
C ALA B 94 -7.42 8.30 -5.15
N VAL B 95 -6.69 8.79 -4.15
CA VAL B 95 -6.94 10.08 -3.56
C VAL B 95 -6.28 11.10 -4.45
N TYR B 96 -7.04 12.12 -4.85
CA TYR B 96 -6.54 13.19 -5.69
C TYR B 96 -6.27 14.40 -4.83
N TYR B 97 -5.04 14.90 -4.93
CA TYR B 97 -4.60 16.05 -4.17
C TYR B 97 -4.36 17.25 -5.05
N CYS B 98 -4.80 18.39 -4.53
CA CYS B 98 -4.45 19.70 -5.04
C CYS B 98 -3.15 20.17 -4.37
N ALA B 99 -2.16 20.57 -5.16
CA ALA B 99 -0.90 21.10 -4.63
C ALA B 99 -0.42 22.41 -5.31
N ARG B 100 -0.11 23.41 -4.48
CA ARG B 100 0.31 24.70 -4.99
C ARG B 100 1.72 24.80 -5.53
N GLY B 101 1.84 25.38 -6.72
CA GLY B 101 3.11 25.90 -7.20
C GLY B 101 4.03 24.82 -7.74
N PHE B 102 5.08 25.25 -8.43
CA PHE B 102 6.21 24.34 -8.77
C PHE B 102 6.88 23.82 -7.51
N GLY B 103 6.66 24.50 -6.39
CA GLY B 103 7.24 24.11 -5.12
C GLY B 103 6.47 23.02 -4.40
N THR B 104 5.24 22.78 -4.85
CA THR B 104 4.32 21.86 -4.18
C THR B 104 4.33 22.09 -2.66
N ASP B 105 4.22 23.35 -2.25
CA ASP B 105 4.48 23.72 -0.84
C ASP B 105 3.28 23.55 0.07
N PHE B 106 2.08 23.48 -0.52
CA PHE B 106 0.87 23.22 0.24
C PHE B 106 -0.02 22.22 -0.50
N TRP B 107 -0.53 21.25 0.25
CA TRP B 107 -1.39 20.18 -0.26
C TRP B 107 -2.73 20.13 0.47
N GLY B 108 -3.81 19.89 -0.27
CA GLY B 108 -5.11 19.69 0.36
C GLY B 108 -5.17 18.34 1.04
N GLN B 109 -6.28 18.08 1.74
CA GLN B 109 -6.55 16.76 2.32
C GLN B 109 -6.98 15.73 1.28
N GLY B 110 -7.35 16.21 0.10
CA GLY B 110 -7.53 15.33 -1.04
C GLY B 110 -8.97 14.85 -1.13
N THR B 111 -9.27 14.12 -2.19
CA THR B 111 -10.58 13.49 -2.35
C THR B 111 -10.49 12.15 -3.05
N LEU B 112 -11.29 11.19 -2.60
CA LEU B 112 -11.22 9.84 -3.11
C LEU B 112 -12.04 9.67 -4.39
N VAL B 113 -11.38 9.18 -5.44
CA VAL B 113 -12.01 8.79 -6.68
C VAL B 113 -11.82 7.29 -6.76
N THR B 114 -12.93 6.56 -6.80
CA THR B 114 -12.90 5.11 -6.86
C THR B 114 -13.56 4.64 -8.17
N VAL B 115 -12.77 3.97 -9.01
CA VAL B 115 -13.25 3.55 -10.33
C VAL B 115 -13.51 2.05 -10.34
N SER B 116 -14.79 1.69 -10.21
CA SER B 116 -15.18 0.32 -9.94
C SER B 116 -16.64 0.10 -10.35
N SER B 117 -16.95 -1.10 -10.83
CA SER B 117 -18.33 -1.55 -10.80
C SER B 117 -18.60 -1.79 -9.31
N ALA B 118 -19.69 -1.24 -8.80
CA ALA B 118 -20.01 -1.38 -7.38
C ALA B 118 -20.86 -2.63 -7.18
N SER B 119 -20.45 -3.70 -7.86
CA SER B 119 -21.23 -4.94 -7.95
C SER B 119 -21.07 -5.79 -6.69
N THR B 120 -22.15 -5.94 -5.93
CA THR B 120 -22.16 -6.84 -4.79
C THR B 120 -21.77 -8.26 -5.22
N LYS B 121 -20.78 -8.81 -4.52
CA LYS B 121 -20.21 -10.13 -4.80
C LYS B 121 -19.98 -10.87 -3.48
N GLY B 122 -20.52 -12.09 -3.34
CA GLY B 122 -20.21 -12.91 -2.17
C GLY B 122 -18.85 -13.59 -2.33
N PRO B 123 -18.21 -13.94 -1.17
CA PRO B 123 -16.90 -14.57 -1.26
C PRO B 123 -16.98 -16.03 -1.70
N SER B 124 -15.90 -16.50 -2.29
CA SER B 124 -15.55 -17.89 -2.31
C SER B 124 -14.66 -18.22 -1.09
N VAL B 125 -14.97 -19.31 -0.39
CA VAL B 125 -14.23 -19.68 0.82
C VAL B 125 -13.53 -21.00 0.63
N PHE B 126 -12.23 -20.97 0.80
CA PHE B 126 -11.42 -22.14 0.55
C PHE B 126 -10.74 -22.50 1.85
N PRO B 127 -10.59 -23.81 2.12
CA PRO B 127 -9.91 -24.24 3.34
C PRO B 127 -8.38 -24.25 3.17
N LEU B 128 -7.68 -23.86 4.24
CA LEU B 128 -6.24 -23.87 4.27
C LEU B 128 -5.80 -24.98 5.20
N ALA B 129 -5.46 -26.13 4.63
CA ALA B 129 -5.21 -27.35 5.43
C ALA B 129 -4.06 -27.17 6.44
N PRO B 130 -4.20 -27.78 7.64
CA PRO B 130 -3.16 -27.57 8.66
C PRO B 130 -1.73 -27.85 8.21
N SER B 131 -0.81 -26.98 8.63
CA SER B 131 0.63 -27.23 8.53
C SER B 131 1.32 -26.98 9.86
N SER B 132 2.19 -27.91 10.28
CA SER B 132 2.94 -27.70 11.51
C SER B 132 4.26 -26.94 11.27
N LYS B 133 4.58 -26.62 10.02
CA LYS B 133 5.95 -26.14 9.70
C LYS B 133 6.34 -24.86 10.50
N SER B 134 5.42 -23.91 10.60
CA SER B 134 5.75 -22.55 11.09
C SER B 134 5.42 -22.29 12.57
N THR B 135 4.84 -23.29 13.24
CA THR B 135 4.24 -23.11 14.54
C THR B 135 5.06 -23.78 15.66
N SER B 136 4.71 -23.46 16.90
CA SER B 136 5.38 -24.01 18.05
C SER B 136 5.17 -25.50 18.09
N GLY B 137 5.97 -26.12 18.94
CA GLY B 137 5.94 -27.55 19.17
C GLY B 137 4.55 -28.03 19.53
N GLY B 138 4.11 -29.08 18.86
CA GLY B 138 2.86 -29.74 19.20
C GLY B 138 1.64 -29.03 18.63
N THR B 139 1.84 -28.01 17.79
CA THR B 139 0.74 -27.22 17.23
C THR B 139 0.83 -27.15 15.71
N ALA B 140 -0.30 -26.79 15.08
CA ALA B 140 -0.41 -26.67 13.66
C ALA B 140 -1.31 -25.48 13.33
N ALA B 141 -0.99 -24.81 12.24
CA ALA B 141 -1.79 -23.71 11.73
C ALA B 141 -2.73 -24.15 10.62
N LEU B 142 -4.00 -23.79 10.72
CA LEU B 142 -4.95 -24.06 9.65
C LEU B 142 -5.77 -22.80 9.49
N GLY B 143 -6.48 -22.68 8.38
CA GLY B 143 -7.22 -21.45 8.13
C GLY B 143 -8.27 -21.49 7.03
N CYS B 144 -8.76 -20.31 6.71
CA CYS B 144 -9.71 -20.13 5.62
C CYS B 144 -9.29 -18.91 4.80
N LEU B 145 -9.34 -19.11 3.48
CA LEU B 145 -9.17 -18.06 2.48
C LEU B 145 -10.55 -17.58 2.03
N VAL B 146 -10.80 -16.31 2.28
CA VAL B 146 -12.08 -15.66 1.93
C VAL B 146 -11.79 -14.74 0.75
N LYS B 147 -12.17 -15.18 -0.45
CA LYS B 147 -11.72 -14.57 -1.71
C LYS B 147 -12.82 -13.84 -2.47
N ASP B 148 -12.47 -12.66 -2.99
CA ASP B 148 -13.18 -11.98 -4.06
C ASP B 148 -14.60 -11.61 -3.68
N TYR B 149 -14.72 -10.77 -2.68
CA TYR B 149 -16.00 -10.24 -2.22
C TYR B 149 -16.02 -8.71 -2.29
N PHE B 150 -17.24 -8.17 -2.38
CA PHE B 150 -17.43 -6.76 -2.40
C PHE B 150 -18.85 -6.43 -1.95
N PRO B 151 -19.00 -5.39 -1.12
CA PRO B 151 -17.97 -4.56 -0.51
C PRO B 151 -17.52 -5.17 0.81
N GLU B 152 -16.69 -4.45 1.55
CA GLU B 152 -16.42 -4.80 2.92
C GLU B 152 -17.69 -4.58 3.74
N PRO B 153 -17.77 -5.27 4.90
CA PRO B 153 -16.82 -6.21 5.46
C PRO B 153 -17.29 -7.67 5.43
N VAL B 154 -16.41 -8.60 5.75
CA VAL B 154 -16.81 -9.96 6.13
C VAL B 154 -16.44 -10.17 7.60
N THR B 155 -17.15 -11.08 8.24
CA THR B 155 -16.73 -11.53 9.57
C THR B 155 -16.36 -12.99 9.47
N VAL B 156 -15.42 -13.41 10.31
CA VAL B 156 -15.04 -14.80 10.40
C VAL B 156 -14.99 -15.23 11.85
N SER B 157 -15.67 -16.33 12.16
CA SER B 157 -15.55 -16.99 13.47
C SER B 157 -15.13 -18.44 13.23
N TRP B 158 -14.80 -19.12 14.34
CA TRP B 158 -14.37 -20.49 14.30
C TRP B 158 -15.22 -21.32 15.25
N ASN B 159 -15.71 -22.45 14.72
CA ASN B 159 -16.59 -23.36 15.47
C ASN B 159 -17.75 -22.62 16.14
N SER B 160 -18.41 -21.81 15.32
CA SER B 160 -19.54 -20.98 15.75
C SER B 160 -19.25 -20.07 16.94
N GLY B 161 -17.99 -19.64 17.03
CA GLY B 161 -17.57 -18.67 18.04
C GLY B 161 -16.94 -19.29 19.27
N ALA B 162 -17.06 -20.61 19.39
CA ALA B 162 -16.49 -21.34 20.50
C ALA B 162 -14.95 -21.31 20.51
N LEU B 163 -14.33 -21.25 19.32
CA LEU B 163 -12.86 -21.28 19.21
C LEU B 163 -12.35 -19.87 18.96
N THR B 164 -11.76 -19.31 20.01
CA THR B 164 -11.21 -17.96 19.98
C THR B 164 -9.70 -17.91 20.22
N SER B 165 -9.14 -18.88 20.95
CA SER B 165 -7.71 -18.87 21.25
C SER B 165 -6.90 -19.23 20.00
N GLY B 166 -5.83 -18.47 19.75
CA GLY B 166 -4.96 -18.68 18.61
C GLY B 166 -5.52 -18.22 17.25
N VAL B 167 -6.65 -17.50 17.26
CA VAL B 167 -7.23 -17.02 16.03
C VAL B 167 -6.55 -15.73 15.59
N HIS B 168 -6.15 -15.67 14.33
CA HIS B 168 -5.66 -14.41 13.74
C HIS B 168 -6.36 -14.21 12.38
N THR B 169 -7.26 -13.23 12.34
CA THR B 169 -7.95 -12.90 11.12
C THR B 169 -7.25 -11.66 10.55
N PHE B 170 -6.76 -11.74 9.33
CA PHE B 170 -5.91 -10.70 8.77
C PHE B 170 -6.78 -9.63 8.11
N PRO B 171 -6.30 -8.38 8.10
CA PRO B 171 -6.98 -7.35 7.30
C PRO B 171 -7.05 -7.71 5.82
N ALA B 172 -8.09 -7.27 5.15
CA ALA B 172 -8.31 -7.60 3.74
C ALA B 172 -7.30 -6.90 2.85
N VAL B 173 -6.92 -7.56 1.77
CA VAL B 173 -6.25 -6.91 0.64
C VAL B 173 -7.31 -6.44 -0.37
N LEU B 174 -7.12 -5.24 -0.92
CA LEU B 174 -7.94 -4.79 -2.03
C LEU B 174 -7.16 -5.10 -3.29
N GLN B 175 -7.68 -5.99 -4.10
CA GLN B 175 -7.01 -6.46 -5.30
C GLN B 175 -7.20 -5.53 -6.48
N SER B 176 -6.32 -5.69 -7.47
CA SER B 176 -6.40 -4.92 -8.71
C SER B 176 -7.80 -5.09 -9.34
N SER B 177 -8.40 -6.27 -9.14
CA SER B 177 -9.76 -6.53 -9.62
C SER B 177 -10.83 -5.58 -9.06
N GLY B 178 -10.53 -4.85 -7.97
CA GLY B 178 -11.54 -4.10 -7.24
C GLY B 178 -12.27 -4.93 -6.19
N LEU B 179 -11.88 -6.18 -6.04
CA LEU B 179 -12.45 -7.01 -4.98
C LEU B 179 -11.47 -7.24 -3.79
N TYR B 180 -12.06 -7.62 -2.66
CA TYR B 180 -11.34 -7.95 -1.44
C TYR B 180 -11.15 -9.45 -1.27
N SER B 181 -10.01 -9.78 -0.67
CA SER B 181 -9.72 -11.11 -0.15
C SER B 181 -9.05 -10.98 1.24
N LEU B 182 -9.41 -11.88 2.15
CA LEU B 182 -8.73 -11.98 3.45
C LEU B 182 -8.58 -13.45 3.80
N SER B 183 -7.77 -13.66 4.84
CA SER B 183 -7.52 -14.97 5.43
C SER B 183 -7.67 -14.90 6.94
N SER B 184 -8.21 -15.97 7.49
CA SER B 184 -8.20 -16.23 8.90
C SER B 184 -7.44 -17.56 9.18
N VAL B 185 -6.53 -17.51 10.16
CA VAL B 185 -5.71 -18.66 10.56
C VAL B 185 -5.90 -18.91 12.04
N VAL B 186 -5.95 -20.19 12.42
CA VAL B 186 -5.96 -20.57 13.82
C VAL B 186 -4.85 -21.60 14.08
N THR B 187 -4.14 -21.41 15.19
CA THR B 187 -3.15 -22.38 15.68
C THR B 187 -3.80 -23.28 16.73
N VAL B 188 -3.74 -24.57 16.48
CA VAL B 188 -4.42 -25.57 17.30
C VAL B 188 -3.47 -26.72 17.69
N PRO B 189 -3.86 -27.53 18.68
CA PRO B 189 -3.05 -28.72 18.96
C PRO B 189 -2.94 -29.69 17.80
N SER B 190 -1.73 -30.15 17.50
CA SER B 190 -1.58 -31.14 16.43
C SER B 190 -2.29 -32.45 16.77
N SER B 191 -2.24 -32.84 18.04
CA SER B 191 -2.93 -34.03 18.52
C SER B 191 -4.46 -33.98 18.30
N SER B 192 -5.03 -32.78 18.28
CA SER B 192 -6.47 -32.63 18.06
C SER B 192 -6.92 -32.95 16.61
N LEU B 193 -5.99 -32.95 15.65
CA LEU B 193 -6.36 -32.99 14.24
C LEU B 193 -7.05 -34.30 13.90
N GLY B 194 -8.13 -34.23 13.14
CA GLY B 194 -8.90 -35.45 12.81
C GLY B 194 -9.55 -36.17 14.00
N THR B 195 -9.34 -35.64 15.20
CA THR B 195 -10.26 -35.83 16.32
C THR B 195 -11.25 -34.66 16.33
N GLN B 196 -10.71 -33.45 16.36
CA GLN B 196 -11.47 -32.21 16.50
C GLN B 196 -11.85 -31.63 15.14
N THR B 197 -13.13 -31.29 14.97
CA THR B 197 -13.61 -30.65 13.75
C THR B 197 -13.34 -29.14 13.84
N TYR B 198 -12.83 -28.55 12.75
CA TYR B 198 -12.64 -27.10 12.65
C TYR B 198 -13.43 -26.54 11.45
N ILE B 199 -14.25 -25.54 11.74
CA ILE B 199 -15.09 -24.93 10.71
C ILE B 199 -14.96 -23.45 10.84
N CYS B 200 -14.65 -22.76 9.74
CA CYS B 200 -14.69 -21.31 9.76
C CYS B 200 -16.07 -20.88 9.33
N ASN B 201 -16.62 -19.90 10.06
CA ASN B 201 -17.98 -19.38 9.79
C ASN B 201 -17.77 -17.99 9.22
N VAL B 202 -18.09 -17.84 7.93
CA VAL B 202 -17.89 -16.60 7.19
C VAL B 202 -19.24 -15.98 6.92
N ASN B 203 -19.41 -14.72 7.29
CA ASN B 203 -20.62 -13.96 7.00
C ASN B 203 -20.26 -12.75 6.15
N HIS B 204 -20.92 -12.63 5.00
CA HIS B 204 -20.83 -11.43 4.14
C HIS B 204 -22.23 -10.83 4.02
N LYS B 205 -22.56 -10.03 5.02
CA LYS B 205 -23.87 -9.43 5.13
C LYS B 205 -24.29 -8.65 3.88
N PRO B 206 -23.36 -7.90 3.28
CA PRO B 206 -23.74 -7.13 2.08
C PRO B 206 -24.35 -7.96 0.93
N SER B 207 -24.00 -9.25 0.82
CA SER B 207 -24.57 -10.16 -0.18
C SER B 207 -25.51 -11.22 0.41
N ASN B 208 -25.77 -11.13 1.72
CA ASN B 208 -26.59 -12.11 2.40
C ASN B 208 -26.06 -13.52 2.14
N THR B 209 -24.76 -13.69 2.33
CA THR B 209 -24.10 -14.97 2.13
C THR B 209 -23.43 -15.38 3.43
N LYS B 210 -23.68 -16.62 3.84
CA LYS B 210 -22.96 -17.28 4.92
C LYS B 210 -22.40 -18.62 4.44
N VAL B 211 -21.16 -18.86 4.84
CA VAL B 211 -20.47 -20.13 4.56
C VAL B 211 -19.84 -20.68 5.85
N ASP B 212 -20.14 -21.94 6.13
CA ASP B 212 -19.43 -22.73 7.15
C ASP B 212 -18.53 -23.77 6.48
N LYS B 213 -17.23 -23.47 6.39
CA LYS B 213 -16.31 -24.28 5.64
C LYS B 213 -15.50 -25.11 6.67
N LYS B 214 -15.62 -26.42 6.51
CA LYS B 214 -14.89 -27.38 7.32
C LYS B 214 -13.46 -27.49 6.77
N VAL B 215 -12.49 -27.44 7.68
CA VAL B 215 -11.08 -27.45 7.33
C VAL B 215 -10.50 -28.71 7.88
N GLU B 216 -10.16 -29.65 6.99
CA GLU B 216 -9.64 -30.93 7.46
C GLU B 216 -8.21 -31.12 7.05
N PRO B 217 -7.49 -31.99 7.77
CA PRO B 217 -6.09 -32.22 7.48
C PRO B 217 -5.93 -32.92 6.13
N LYS B 218 -4.77 -32.72 5.50
CA LYS B 218 -4.50 -33.26 4.15
C LYS B 218 -4.27 -34.78 4.14
C1 BUD C . -0.24 -16.36 11.97
O1 BUD C . 1.04 -18.43 12.32
C2 BUD C . 0.87 -17.29 11.46
O2 BUD C . 3.26 -17.48 10.92
C3 BUD C . 2.20 -16.57 11.32
C4 BUD C . 2.07 -15.41 10.34
C1 BUD D . 15.18 -20.39 -5.00
O1 BUD D . 15.31 -20.77 -2.62
C2 BUD D . 14.55 -21.10 -3.80
O2 BUD D . 13.75 -23.19 -2.91
C3 BUD D . 14.50 -22.61 -3.99
C4 BUD D . 13.90 -23.05 -5.32
#